data_6NJT
#
_entry.id   6NJT
#
_cell.length_a   109.609
_cell.length_b   109.609
_cell.length_c   118.062
_cell.angle_alpha   90.000
_cell.angle_beta   90.000
_cell.angle_gamma   120.000
#
_symmetry.space_group_name_H-M   'P 31 2 1'
#
loop_
_entity.id
_entity.type
_entity.pdbx_description
1 polymer 'Endonuclease G, mitochondrial'
2 non-polymer 'MAGNESIUM ION'
3 non-polymer 'CHLORIDE ION'
4 non-polymer 'ISOPROPYL ALCOHOL'
5 water water
#
_entity_poly.entity_id   1
_entity_poly.type   'polypeptide(L)'
_entity_poly.pdbx_seq_one_letter_code
;SVAADLPALPGGPAGGTGELAKYGLPGVAQLRSRESYVLSYDPRTRGALWVLEQLRPERLRGDGDRSACDFREDDSVHAY
HRATNADYRGSGFDRGALAAAANHRWSQRAMDDTFYLSNVAPQVPHLNQNAWNNLERYSRSLTRTYQNVYVCTGPLFLPR
TEADGKSYVKYQVIGKNHVAVPTHFFKVLILEAAGGQIELRSYVMPNAPVDETIPLERFLVPIESIERASGLLFVPNILA
RAGNLKAITAGSK
;
_entity_poly.pdbx_strand_id   A,B
#
# COMPACT_ATOMS: atom_id res chain seq x y z
N GLU A 19 2.30 27.11 1.06
CA GLU A 19 3.57 26.44 0.76
C GLU A 19 3.62 25.00 1.35
N LEU A 20 2.50 24.30 1.25
CA LEU A 20 2.34 23.00 1.93
C LEU A 20 3.36 21.97 1.46
N ALA A 21 3.58 21.88 0.14
CA ALA A 21 4.49 20.91 -0.44
C ALA A 21 5.94 21.38 -0.49
N LYS A 22 6.28 22.42 0.30
CA LYS A 22 7.62 23.00 0.28
C LYS A 22 8.70 21.93 0.42
N TYR A 23 8.47 20.92 1.26
CA TYR A 23 9.43 19.84 1.47
C TYR A 23 9.04 18.56 0.73
N GLY A 24 8.27 18.68 -0.34
CA GLY A 24 7.85 17.54 -1.14
C GLY A 24 6.81 16.68 -0.43
N LEU A 25 6.34 15.68 -1.16
CA LEU A 25 5.45 14.66 -0.62
C LEU A 25 6.23 13.37 -0.38
N PRO A 26 5.98 12.65 0.72
N PRO A 26 5.96 12.70 0.75
CA PRO A 26 6.80 11.48 1.04
CA PRO A 26 6.81 11.57 1.16
C PRO A 26 6.82 10.45 -0.08
C PRO A 26 6.44 10.23 0.53
N GLY A 27 8.04 10.05 -0.49
N GLY A 27 5.32 10.12 -0.18
CA GLY A 27 8.26 8.93 -1.37
CA GLY A 27 4.89 8.83 -0.71
C GLY A 27 7.91 9.14 -2.84
C GLY A 27 3.87 8.89 -1.83
N VAL A 28 6.63 8.91 -3.17
N VAL A 28 4.34 8.77 -3.07
CA VAL A 28 6.01 9.13 -4.49
CA VAL A 28 3.51 8.83 -4.27
C VAL A 28 6.71 8.36 -5.61
C VAL A 28 3.75 7.57 -5.08
N ALA A 29 6.07 8.32 -6.77
N ALA A 29 2.83 7.29 -6.00
CA ALA A 29 6.58 7.69 -7.97
CA ALA A 29 2.82 6.04 -6.76
C ALA A 29 6.78 6.20 -7.77
C ALA A 29 4.18 5.76 -7.41
N GLN A 30 5.74 5.41 -8.04
N GLN A 30 4.59 4.51 -7.31
CA GLN A 30 5.79 3.97 -7.84
CA GLN A 30 5.84 4.02 -7.89
C GLN A 30 5.38 3.17 -9.06
C GLN A 30 5.47 3.16 -9.10
N LEU A 31 5.13 3.82 -10.19
CA LEU A 31 4.95 3.12 -11.47
C LEU A 31 6.32 2.82 -12.05
N ARG A 32 6.47 1.64 -12.65
CA ARG A 32 7.68 1.30 -13.40
C ARG A 32 7.27 0.72 -14.74
N SER A 33 7.87 1.22 -15.80
CA SER A 33 7.73 0.63 -17.12
C SER A 33 8.96 -0.23 -17.42
N ARG A 34 8.72 -1.51 -17.69
CA ARG A 34 9.75 -2.42 -18.16
C ARG A 34 9.42 -2.80 -19.60
N GLU A 35 10.31 -3.58 -20.21
CA GLU A 35 10.10 -3.92 -21.61
C GLU A 35 8.94 -4.89 -21.77
N SER A 36 8.66 -5.70 -20.77
CA SER A 36 7.65 -6.74 -20.88
C SER A 36 6.35 -6.42 -20.15
N TYR A 37 6.31 -5.35 -19.37
CA TYR A 37 5.17 -5.15 -18.47
C TYR A 37 5.29 -3.78 -17.84
N VAL A 38 4.19 -3.37 -17.22
CA VAL A 38 4.16 -2.20 -16.36
CA VAL A 38 4.16 -2.20 -16.36
CA VAL A 38 4.13 -2.18 -16.37
C VAL A 38 3.79 -2.67 -14.97
N LEU A 39 4.43 -2.09 -13.97
CA LEU A 39 4.30 -2.50 -12.60
C LEU A 39 4.00 -1.29 -11.71
N SER A 40 3.14 -1.50 -10.71
CA SER A 40 2.99 -0.55 -9.60
C SER A 40 3.57 -1.17 -8.33
N TYR A 41 4.44 -0.44 -7.65
CA TYR A 41 5.22 -0.98 -6.54
C TYR A 41 4.74 -0.44 -5.19
N ASP A 42 4.64 -1.33 -4.18
CA ASP A 42 4.34 -1.00 -2.78
C ASP A 42 5.62 -1.08 -1.96
N PRO A 43 6.25 0.05 -1.63
CA PRO A 43 7.45 -0.03 -0.78
C PRO A 43 7.20 -0.50 0.64
N ARG A 44 5.94 -0.50 1.11
CA ARG A 44 5.64 -1.01 2.45
CA ARG A 44 5.67 -1.00 2.46
C ARG A 44 5.87 -2.51 2.52
N THR A 45 5.23 -3.25 1.61
CA THR A 45 5.37 -4.70 1.55
C THR A 45 6.62 -5.14 0.78
N ARG A 46 7.31 -4.21 0.11
CA ARG A 46 8.47 -4.52 -0.73
C ARG A 46 8.08 -5.42 -1.90
N GLY A 47 6.92 -5.12 -2.50
CA GLY A 47 6.39 -5.97 -3.54
C GLY A 47 5.45 -5.17 -4.41
N ALA A 48 5.22 -5.70 -5.61
CA ALA A 48 4.28 -5.07 -6.52
C ALA A 48 2.86 -5.17 -5.99
N LEU A 49 2.08 -4.09 -6.20
CA LEU A 49 0.62 -4.16 -6.06
C LEU A 49 0.01 -4.91 -7.23
N TRP A 50 0.56 -4.72 -8.42
CA TRP A 50 0.03 -5.38 -9.60
C TRP A 50 1.07 -5.22 -10.70
N VAL A 51 1.02 -6.17 -11.63
CA VAL A 51 1.85 -6.16 -12.84
C VAL A 51 0.90 -6.38 -14.00
N LEU A 52 1.03 -5.57 -15.06
CA LEU A 52 0.12 -5.61 -16.20
C LEU A 52 0.91 -6.03 -17.43
N GLU A 53 0.43 -7.04 -18.15
CA GLU A 53 1.04 -7.51 -19.38
C GLU A 53 0.01 -7.53 -20.49
N GLN A 54 0.51 -7.55 -21.72
CA GLN A 54 -0.30 -7.74 -22.91
C GLN A 54 0.32 -8.89 -23.71
N LEU A 55 -0.32 -10.05 -23.67
CA LEU A 55 0.16 -11.21 -24.40
C LEU A 55 -0.43 -11.23 -25.81
N ARG A 56 0.40 -11.58 -26.79
CA ARG A 56 0.00 -11.78 -28.17
C ARG A 56 0.76 -12.99 -28.72
N PRO A 57 0.20 -13.67 -29.72
CA PRO A 57 0.80 -14.95 -30.17
C PRO A 57 2.23 -14.85 -30.64
N GLU A 58 2.60 -13.76 -31.32
CA GLU A 58 3.97 -13.57 -31.80
C GLU A 58 4.97 -13.47 -30.64
N ARG A 59 4.58 -12.78 -29.57
CA ARG A 59 5.48 -12.51 -28.47
C ARG A 59 5.78 -13.75 -27.63
N LEU A 60 4.96 -14.79 -27.74
CA LEU A 60 5.27 -16.06 -27.08
C LEU A 60 6.52 -16.69 -27.67
N ARG A 61 6.62 -16.65 -28.99
CA ARG A 61 7.74 -17.26 -29.69
C ARG A 61 8.97 -16.37 -29.60
N GLY A 62 10.12 -17.01 -29.53
CA GLY A 62 11.38 -16.29 -29.48
C GLY A 62 12.45 -17.16 -28.87
N ASP A 63 13.70 -16.74 -29.07
CA ASP A 63 14.85 -17.49 -28.59
C ASP A 63 15.29 -17.06 -27.20
N GLY A 64 14.57 -16.13 -26.57
CA GLY A 64 14.99 -15.66 -25.26
C GLY A 64 15.04 -16.82 -24.27
N ASP A 65 16.11 -16.85 -23.50
CA ASP A 65 16.18 -17.83 -22.44
C ASP A 65 17.00 -17.26 -21.32
N ARG A 66 16.77 -17.80 -20.12
CA ARG A 66 17.46 -17.34 -18.93
C ARG A 66 17.39 -18.42 -17.88
N SER A 67 18.47 -18.58 -17.14
CA SER A 67 18.51 -19.55 -16.06
C SER A 67 17.44 -19.22 -15.02
N ALA A 68 16.78 -20.26 -14.52
CA ALA A 68 15.52 -20.06 -13.82
C ALA A 68 15.71 -19.35 -12.48
N CYS A 69 16.92 -19.35 -11.94
CA CYS A 69 17.20 -18.78 -10.62
C CYS A 69 17.93 -17.45 -10.71
N ASP A 70 18.15 -16.91 -11.89
CA ASP A 70 18.97 -15.69 -12.02
C ASP A 70 18.11 -14.45 -11.84
N PHE A 71 17.77 -14.14 -10.58
CA PHE A 71 16.99 -12.96 -10.24
C PHE A 71 17.91 -11.84 -9.74
N ARG A 72 17.53 -10.58 -10.02
CA ARG A 72 18.32 -9.42 -9.65
CA ARG A 72 18.31 -9.42 -9.66
C ARG A 72 17.46 -8.44 -8.86
N GLU A 73 18.07 -7.80 -7.85
CA GLU A 73 17.34 -6.78 -7.11
C GLU A 73 17.15 -5.55 -8.01
N ASP A 74 16.08 -4.81 -7.75
CA ASP A 74 15.70 -3.68 -8.60
C ASP A 74 16.37 -2.41 -8.07
N ASP A 75 17.40 -1.95 -8.75
CA ASP A 75 18.15 -0.79 -8.27
C ASP A 75 17.40 0.51 -8.49
N SER A 76 16.25 0.51 -9.19
CA SER A 76 15.42 1.70 -9.21
C SER A 76 14.55 1.85 -7.96
N VAL A 77 14.66 0.94 -7.00
CA VAL A 77 13.89 1.00 -5.77
C VAL A 77 14.85 1.38 -4.66
N HIS A 78 14.45 2.37 -3.85
CA HIS A 78 15.29 2.77 -2.74
C HIS A 78 15.67 1.56 -1.89
N ALA A 79 16.95 1.49 -1.49
CA ALA A 79 17.47 0.34 -0.74
C ALA A 79 16.70 0.05 0.55
N TYR A 80 16.05 1.08 1.13
CA TYR A 80 15.23 0.84 2.33
C TYR A 80 14.05 -0.07 2.03
N HIS A 81 13.60 -0.10 0.78
CA HIS A 81 12.35 -0.71 0.37
C HIS A 81 12.54 -1.78 -0.70
N ARG A 82 13.76 -2.27 -0.84
CA ARG A 82 14.16 -3.09 -1.99
C ARG A 82 14.34 -4.53 -1.53
N ALA A 83 13.55 -5.44 -2.10
CA ALA A 83 13.76 -6.86 -1.88
C ALA A 83 15.09 -7.29 -2.50
N THR A 84 15.81 -8.13 -1.79
CA THR A 84 17.08 -8.66 -2.26
C THR A 84 17.05 -10.19 -2.29
N ASN A 85 17.96 -10.78 -3.06
CA ASN A 85 18.07 -12.24 -3.08
C ASN A 85 18.31 -12.82 -1.69
N ALA A 86 19.09 -12.13 -0.86
CA ALA A 86 19.33 -12.59 0.50
C ALA A 86 18.06 -12.61 1.35
N ASP A 87 17.08 -11.75 1.04
CA ASP A 87 15.80 -11.82 1.76
C ASP A 87 15.12 -13.16 1.54
N TYR A 88 15.25 -13.72 0.34
CA TYR A 88 14.62 -14.98 -0.01
C TYR A 88 15.44 -16.20 0.39
N ARG A 89 16.76 -16.08 0.42
CA ARG A 89 17.61 -17.23 0.74
CA ARG A 89 17.61 -17.22 0.74
C ARG A 89 17.26 -17.78 2.12
N GLY A 90 17.09 -19.10 2.19
CA GLY A 90 16.76 -19.79 3.43
C GLY A 90 15.34 -19.60 3.92
N SER A 91 14.51 -18.90 3.17
CA SER A 91 13.14 -18.61 3.59
C SER A 91 12.18 -19.76 3.31
N GLY A 92 12.56 -20.68 2.43
CA GLY A 92 11.64 -21.71 2.03
C GLY A 92 10.65 -21.28 0.96
N PHE A 93 10.72 -20.04 0.48
CA PHE A 93 9.83 -19.58 -0.58
C PHE A 93 10.63 -19.44 -1.86
N ASP A 94 9.96 -19.67 -2.98
CA ASP A 94 10.53 -19.32 -4.27
C ASP A 94 10.39 -17.82 -4.52
N ARG A 95 11.21 -17.33 -5.43
CA ARG A 95 11.03 -15.99 -5.99
C ARG A 95 10.02 -16.14 -7.11
N GLY A 96 8.75 -15.98 -6.75
CA GLY A 96 7.65 -16.23 -7.64
C GLY A 96 7.34 -15.05 -8.53
N ALA A 97 7.65 -15.18 -9.82
CA ALA A 97 7.44 -14.07 -10.75
C ALA A 97 5.95 -13.82 -10.94
N LEU A 98 5.61 -12.55 -11.19
CA LEU A 98 4.22 -12.19 -11.45
C LEU A 98 3.96 -12.11 -12.95
N ALA A 99 4.67 -11.24 -13.66
CA ALA A 99 4.79 -11.37 -15.11
C ALA A 99 5.76 -12.52 -15.39
N ALA A 100 5.26 -13.61 -15.99
CA ALA A 100 6.05 -14.82 -16.16
C ALA A 100 7.11 -14.66 -17.24
N ALA A 101 8.31 -15.16 -16.93
CA ALA A 101 9.42 -15.13 -17.88
C ALA A 101 9.02 -15.70 -19.23
N ALA A 102 8.28 -16.81 -19.24
CA ALA A 102 7.92 -17.50 -20.47
C ALA A 102 6.91 -16.73 -21.32
N ASN A 103 6.31 -15.66 -20.79
CA ASN A 103 5.47 -14.80 -21.62
C ASN A 103 6.28 -13.94 -22.58
N HIS A 104 7.60 -13.92 -22.46
CA HIS A 104 8.41 -12.85 -23.03
C HIS A 104 9.70 -13.38 -23.64
N ARG A 105 9.61 -14.50 -24.35
CA ARG A 105 10.79 -14.99 -25.07
C ARG A 105 11.05 -14.23 -26.36
N TRP A 106 10.12 -13.37 -26.78
CA TRP A 106 10.25 -12.59 -28.02
C TRP A 106 11.41 -11.62 -27.98
N SER A 107 11.95 -11.33 -26.80
CA SER A 107 13.04 -10.39 -26.67
C SER A 107 13.81 -10.78 -25.43
N GLN A 108 15.13 -10.89 -25.56
CA GLN A 108 15.95 -11.23 -24.41
C GLN A 108 15.79 -10.17 -23.31
N ARG A 109 15.67 -8.90 -23.71
CA ARG A 109 15.49 -7.83 -22.73
C ARG A 109 14.14 -7.94 -22.03
N ALA A 110 13.08 -8.22 -22.80
CA ALA A 110 11.77 -8.46 -22.22
C ALA A 110 11.84 -9.57 -21.17
N MET A 111 12.40 -10.71 -21.55
CA MET A 111 12.49 -11.80 -20.58
C MET A 111 13.33 -11.42 -19.37
N ASP A 112 14.47 -10.76 -19.60
CA ASP A 112 15.35 -10.35 -18.51
C ASP A 112 14.61 -9.54 -17.47
N ASP A 113 13.76 -8.62 -17.92
CA ASP A 113 13.07 -7.73 -17.01
C ASP A 113 12.14 -8.47 -16.07
N THR A 114 11.69 -9.67 -16.44
CA THR A 114 10.85 -10.40 -15.50
C THR A 114 11.64 -10.96 -14.33
N PHE A 115 12.97 -10.82 -14.33
CA PHE A 115 13.79 -11.37 -13.26
C PHE A 115 14.19 -10.32 -12.22
N TYR A 116 13.68 -9.09 -12.34
CA TYR A 116 13.80 -8.11 -11.26
C TYR A 116 12.95 -8.52 -10.07
N LEU A 117 13.49 -8.39 -8.87
CA LEU A 117 12.75 -8.87 -7.71
C LEU A 117 11.47 -8.08 -7.48
N SER A 118 11.41 -6.85 -8.00
CA SER A 118 10.19 -6.06 -7.90
C SER A 118 9.03 -6.72 -8.64
N ASN A 119 9.34 -7.66 -9.55
CA ASN A 119 8.35 -8.46 -10.26
C ASN A 119 8.06 -9.79 -9.55
N VAL A 120 8.58 -10.01 -8.35
CA VAL A 120 8.35 -11.30 -7.71
C VAL A 120 7.86 -11.09 -6.29
N ALA A 121 7.18 -12.10 -5.78
CA ALA A 121 6.75 -12.19 -4.40
C ALA A 121 7.10 -13.57 -3.85
N PRO A 122 7.28 -13.69 -2.54
CA PRO A 122 7.53 -15.01 -1.95
C PRO A 122 6.37 -15.96 -2.24
N GLN A 123 6.68 -17.04 -2.94
CA GLN A 123 5.66 -17.98 -3.39
C GLN A 123 6.01 -19.38 -2.93
N VAL A 124 5.03 -20.08 -2.39
CA VAL A 124 5.22 -21.46 -1.97
C VAL A 124 5.78 -22.24 -3.15
N PRO A 125 6.90 -22.97 -2.98
CA PRO A 125 7.52 -23.61 -4.15
C PRO A 125 6.57 -24.50 -4.93
N HIS A 126 5.78 -25.32 -4.24
CA HIS A 126 4.82 -26.18 -4.93
C HIS A 126 3.86 -25.37 -5.81
N LEU A 127 3.35 -24.25 -5.28
CA LEU A 127 2.40 -23.44 -6.04
C LEU A 127 3.05 -22.88 -7.31
N ASN A 128 4.25 -22.33 -7.17
CA ASN A 128 4.96 -21.72 -8.29
C ASN A 128 5.19 -22.74 -9.39
N GLN A 129 5.56 -23.96 -9.00
CA GLN A 129 5.93 -25.01 -9.94
C GLN A 129 4.71 -25.64 -10.62
N ASN A 130 3.57 -25.72 -9.93
CA ASN A 130 2.45 -26.54 -10.40
C ASN A 130 1.19 -25.74 -10.76
N ALA A 131 0.29 -25.47 -9.79
CA ALA A 131 -0.99 -24.84 -10.13
C ALA A 131 -0.79 -23.45 -10.72
N TRP A 132 0.08 -22.64 -10.12
CA TRP A 132 0.32 -21.30 -10.68
C TRP A 132 0.92 -21.41 -12.08
N ASN A 133 1.91 -22.28 -12.26
CA ASN A 133 2.51 -22.48 -13.57
C ASN A 133 1.43 -22.88 -14.58
N ASN A 134 0.56 -23.80 -14.19
CA ASN A 134 -0.53 -24.24 -15.06
CA ASN A 134 -0.52 -24.23 -15.08
C ASN A 134 -1.43 -23.06 -15.43
N LEU A 135 -1.77 -22.21 -14.44
CA LEU A 135 -2.57 -21.03 -14.73
C LEU A 135 -1.86 -20.11 -15.72
N GLU A 136 -0.53 -19.98 -15.58
CA GLU A 136 0.24 -19.18 -16.51
C GLU A 136 0.24 -19.81 -17.91
N ARG A 137 0.44 -21.13 -18.00
CA ARG A 137 0.42 -21.78 -19.31
C ARG A 137 -0.96 -21.67 -19.93
N TYR A 138 -2.00 -21.82 -19.13
CA TYR A 138 -3.35 -21.69 -19.67
C TYR A 138 -3.60 -20.30 -20.23
N SER A 139 -3.23 -19.26 -19.45
CA SER A 139 -3.42 -17.90 -19.93
CA SER A 139 -3.42 -17.90 -19.93
C SER A 139 -2.67 -17.66 -21.23
N ARG A 140 -1.44 -18.14 -21.31
CA ARG A 140 -0.65 -18.04 -22.53
C ARG A 140 -1.37 -18.69 -23.70
N SER A 141 -1.99 -19.85 -23.46
CA SER A 141 -2.64 -20.60 -24.52
C SER A 141 -3.88 -19.90 -25.08
N LEU A 142 -4.48 -18.98 -24.32
CA LEU A 142 -5.62 -18.23 -24.85
C LEU A 142 -5.22 -17.28 -25.96
N THR A 143 -3.91 -17.08 -26.21
CA THR A 143 -3.55 -16.26 -27.35
C THR A 143 -3.83 -16.96 -28.67
N ARG A 144 -4.08 -18.27 -28.65
CA ARG A 144 -4.47 -18.96 -29.87
C ARG A 144 -5.88 -18.61 -30.33
N THR A 145 -6.74 -18.14 -29.43
CA THR A 145 -8.12 -17.90 -29.80
C THR A 145 -8.60 -16.49 -29.50
N TYR A 146 -7.76 -15.63 -28.95
CA TYR A 146 -8.14 -14.25 -28.70
C TYR A 146 -7.06 -13.37 -29.31
N GLN A 147 -7.50 -12.23 -29.82
CA GLN A 147 -6.58 -11.32 -30.51
C GLN A 147 -5.57 -10.73 -29.53
N ASN A 148 -6.03 -10.31 -28.35
CA ASN A 148 -5.14 -9.87 -27.28
C ASN A 148 -5.54 -10.52 -25.97
N VAL A 149 -4.54 -10.86 -25.16
CA VAL A 149 -4.76 -11.36 -23.81
C VAL A 149 -4.00 -10.43 -22.87
N TYR A 150 -4.74 -9.63 -22.10
CA TYR A 150 -4.15 -8.79 -21.08
C TYR A 150 -4.20 -9.54 -19.77
N VAL A 151 -3.13 -9.45 -19.00
CA VAL A 151 -2.97 -10.19 -17.76
C VAL A 151 -2.55 -9.22 -16.69
N CYS A 152 -3.36 -9.12 -15.64
CA CYS A 152 -2.98 -8.36 -14.46
C CYS A 152 -2.81 -9.35 -13.31
N THR A 153 -1.62 -9.37 -12.74
CA THR A 153 -1.26 -10.29 -11.69
C THR A 153 -0.79 -9.51 -10.48
N GLY A 154 -1.15 -9.99 -9.29
CA GLY A 154 -0.68 -9.36 -8.07
C GLY A 154 -0.99 -10.15 -6.82
N PRO A 155 -0.49 -9.68 -5.68
CA PRO A 155 -0.75 -10.35 -4.39
C PRO A 155 -2.06 -9.91 -3.75
N LEU A 156 -2.55 -10.76 -2.86
CA LEU A 156 -3.61 -10.45 -1.93
C LEU A 156 -3.14 -10.75 -0.51
N PHE A 157 -3.72 -10.01 0.45
CA PHE A 157 -3.49 -10.22 1.87
C PHE A 157 -4.87 -10.31 2.51
N LEU A 158 -5.44 -11.54 2.54
CA LEU A 158 -6.84 -11.67 2.91
C LEU A 158 -6.98 -11.90 4.42
N PRO A 159 -8.04 -11.36 5.00
CA PRO A 159 -8.27 -11.52 6.45
C PRO A 159 -8.75 -12.94 6.78
N ARG A 160 -8.72 -13.22 8.08
CA ARG A 160 -9.19 -14.47 8.64
C ARG A 160 -9.93 -14.16 9.94
N THR A 161 -10.84 -15.05 10.32
CA THR A 161 -11.66 -14.84 11.51
C THR A 161 -11.15 -15.76 12.61
N GLU A 162 -10.71 -15.18 13.72
CA GLU A 162 -10.16 -15.97 14.80
C GLU A 162 -11.24 -16.28 15.82
N ALA A 163 -10.85 -17.05 16.84
CA ALA A 163 -11.80 -17.58 17.80
C ALA A 163 -12.57 -16.50 18.55
N ASP A 164 -12.01 -15.28 18.63
CA ASP A 164 -12.72 -14.16 19.23
C ASP A 164 -13.74 -13.53 18.27
N GLY A 165 -13.95 -14.11 17.09
CA GLY A 165 -14.90 -13.54 16.18
C GLY A 165 -14.45 -12.27 15.49
N LYS A 166 -13.26 -11.77 15.82
CA LYS A 166 -12.70 -10.63 15.12
C LYS A 166 -11.91 -11.08 13.89
N SER A 167 -11.65 -10.15 12.99
CA SER A 167 -10.96 -10.42 11.75
C SER A 167 -9.62 -9.74 11.74
N TYR A 168 -8.60 -10.46 11.26
CA TYR A 168 -7.23 -10.02 11.24
C TYR A 168 -6.59 -10.39 9.92
N VAL A 169 -5.63 -9.57 9.54
CA VAL A 169 -4.71 -9.89 8.46
C VAL A 169 -3.42 -10.33 9.12
N LYS A 170 -2.92 -11.50 8.71
CA LYS A 170 -1.64 -11.97 9.23
C LYS A 170 -0.86 -12.51 8.05
N TYR A 171 0.40 -12.09 7.93
CA TYR A 171 1.25 -12.66 6.90
C TYR A 171 2.69 -12.58 7.37
N GLN A 172 3.48 -13.55 6.91
CA GLN A 172 4.90 -13.58 7.24
C GLN A 172 5.64 -12.51 6.45
N VAL A 173 6.72 -12.02 7.02
CA VAL A 173 7.69 -11.19 6.31
C VAL A 173 9.03 -11.89 6.40
N ILE A 174 9.75 -11.93 5.29
CA ILE A 174 11.01 -12.69 5.28
C ILE A 174 12.17 -11.74 5.05
N GLY A 175 13.32 -12.10 5.62
CA GLY A 175 14.56 -11.38 5.37
C GLY A 175 14.72 -10.11 6.18
N LYS A 176 15.94 -9.58 6.15
CA LYS A 176 16.21 -8.35 6.87
CA LYS A 176 16.24 -8.34 6.84
C LYS A 176 15.34 -7.20 6.36
N ASN A 177 14.91 -7.26 5.11
CA ASN A 177 14.07 -6.20 4.56
C ASN A 177 12.58 -6.48 4.74
N HIS A 178 12.21 -7.53 5.47
CA HIS A 178 10.81 -7.83 5.78
C HIS A 178 9.94 -7.82 4.54
N VAL A 179 10.30 -8.68 3.58
CA VAL A 179 9.50 -8.81 2.36
C VAL A 179 8.21 -9.54 2.69
N ALA A 180 7.07 -8.97 2.29
CA ALA A 180 5.79 -9.54 2.68
C ALA A 180 5.47 -10.80 1.87
N VAL A 181 4.96 -11.82 2.57
CA VAL A 181 4.53 -13.07 1.95
C VAL A 181 3.02 -12.97 1.72
N PRO A 182 2.56 -12.83 0.49
CA PRO A 182 1.12 -12.74 0.24
C PRO A 182 0.38 -13.99 0.71
N THR A 183 -0.87 -13.80 1.13
CA THR A 183 -1.69 -14.96 1.50
C THR A 183 -2.29 -15.65 0.28
N HIS A 184 -2.48 -14.90 -0.81
CA HIS A 184 -3.12 -15.37 -2.03
C HIS A 184 -2.51 -14.63 -3.21
N PHE A 185 -2.79 -15.09 -4.42
CA PHE A 185 -2.45 -14.35 -5.62
C PHE A 185 -3.68 -14.21 -6.49
N PHE A 186 -3.83 -13.05 -7.14
CA PHE A 186 -4.88 -12.88 -8.14
C PHE A 186 -4.28 -12.80 -9.53
N LYS A 187 -5.08 -13.18 -10.53
CA LYS A 187 -4.72 -13.00 -11.93
C LYS A 187 -5.99 -12.64 -12.68
N VAL A 188 -6.00 -11.46 -13.29
CA VAL A 188 -7.17 -11.01 -14.07
C VAL A 188 -6.78 -11.08 -15.54
N LEU A 189 -7.58 -11.81 -16.32
CA LEU A 189 -7.38 -11.88 -17.77
C LEU A 189 -8.43 -11.00 -18.43
N ILE A 190 -7.97 -10.11 -19.31
CA ILE A 190 -8.85 -9.39 -20.22
C ILE A 190 -8.70 -10.01 -21.60
N LEU A 191 -9.76 -10.69 -22.04
CA LEU A 191 -9.73 -11.47 -23.26
C LEU A 191 -10.42 -10.68 -24.37
N GLU A 192 -9.65 -10.27 -25.36
CA GLU A 192 -10.10 -9.36 -26.42
C GLU A 192 -10.22 -10.13 -27.73
N ALA A 193 -11.44 -10.50 -28.09
CA ALA A 193 -11.72 -11.04 -29.41
C ALA A 193 -11.89 -9.91 -30.41
N ALA A 194 -11.69 -10.21 -31.69
CA ALA A 194 -12.06 -9.28 -32.75
C ALA A 194 -13.56 -9.46 -32.98
N GLY A 195 -14.34 -8.43 -32.65
CA GLY A 195 -15.79 -8.54 -32.74
C GLY A 195 -16.39 -9.42 -31.66
N GLY A 196 -17.38 -8.89 -30.94
CA GLY A 196 -17.88 -9.49 -29.70
C GLY A 196 -17.04 -9.00 -28.54
N GLN A 197 -15.75 -8.79 -28.81
CA GLN A 197 -14.84 -7.98 -28.01
C GLN A 197 -14.44 -8.64 -26.69
N ILE A 198 -14.77 -8.02 -25.56
CA ILE A 198 -14.01 -8.19 -24.33
C ILE A 198 -14.73 -9.11 -23.35
N GLU A 199 -14.02 -10.14 -22.89
CA GLU A 199 -14.46 -11.00 -21.80
C GLU A 199 -13.46 -10.89 -20.66
N LEU A 200 -13.97 -10.84 -19.43
CA LEU A 200 -13.13 -10.73 -18.26
C LEU A 200 -13.17 -12.03 -17.47
N ARG A 201 -12.00 -12.45 -16.99
CA ARG A 201 -11.86 -13.72 -16.30
C ARG A 201 -10.86 -13.52 -15.17
N SER A 202 -11.24 -13.86 -13.93
CA SER A 202 -10.31 -13.59 -12.83
C SER A 202 -10.22 -14.74 -11.83
N TYR A 203 -8.98 -15.05 -11.45
CA TYR A 203 -8.65 -16.21 -10.65
C TYR A 203 -7.97 -15.78 -9.36
N VAL A 204 -8.16 -16.59 -8.33
CA VAL A 204 -7.43 -16.41 -7.09
C VAL A 204 -6.96 -17.78 -6.64
N MET A 205 -5.72 -17.84 -6.17
CA MET A 205 -5.18 -19.04 -5.56
C MET A 205 -4.52 -18.70 -4.24
N PRO A 206 -4.66 -19.55 -3.23
CA PRO A 206 -3.91 -19.34 -1.98
C PRO A 206 -2.43 -19.58 -2.22
N ASN A 207 -1.61 -18.85 -1.47
CA ASN A 207 -0.17 -19.07 -1.46
C ASN A 207 0.09 -20.33 -0.64
N ALA A 208 -0.09 -21.47 -1.30
CA ALA A 208 -0.18 -22.77 -0.66
C ALA A 208 0.03 -23.83 -1.72
N PRO A 209 0.39 -25.06 -1.33
CA PRO A 209 0.58 -26.12 -2.32
C PRO A 209 -0.73 -26.60 -2.94
N VAL A 210 -1.28 -25.83 -3.87
CA VAL A 210 -2.55 -26.16 -4.49
C VAL A 210 -2.46 -27.45 -5.29
N ASP A 211 -3.41 -28.36 -5.07
CA ASP A 211 -3.46 -29.61 -5.83
C ASP A 211 -3.58 -29.33 -7.33
N GLU A 212 -2.59 -29.78 -8.09
CA GLU A 212 -2.52 -29.46 -9.52
C GLU A 212 -3.63 -30.11 -10.33
N THR A 213 -4.32 -31.10 -9.79
CA THR A 213 -5.40 -31.72 -10.56
C THR A 213 -6.72 -30.97 -10.44
N ILE A 214 -6.80 -29.94 -9.59
CA ILE A 214 -8.02 -29.13 -9.48
C ILE A 214 -8.18 -28.30 -10.75
N PRO A 215 -9.29 -28.43 -11.46
CA PRO A 215 -9.46 -27.65 -12.70
C PRO A 215 -9.35 -26.16 -12.42
N LEU A 216 -8.70 -25.45 -13.34
CA LEU A 216 -8.47 -24.01 -13.16
C LEU A 216 -9.78 -23.24 -12.99
N GLU A 217 -10.85 -23.68 -13.64
CA GLU A 217 -12.10 -22.95 -13.55
C GLU A 217 -12.61 -22.88 -12.12
N ARG A 218 -12.19 -23.83 -11.28
CA ARG A 218 -12.66 -23.81 -9.90
CA ARG A 218 -12.59 -23.86 -9.88
C ARG A 218 -12.02 -22.69 -9.09
N PHE A 219 -11.04 -21.98 -9.64
CA PHE A 219 -10.42 -20.84 -8.97
C PHE A 219 -10.93 -19.51 -9.49
N LEU A 220 -11.86 -19.50 -10.44
CA LEU A 220 -12.50 -18.27 -10.86
C LEU A 220 -13.25 -17.64 -9.69
N VAL A 221 -13.11 -16.32 -9.55
CA VAL A 221 -13.86 -15.55 -8.56
C VAL A 221 -14.47 -14.35 -9.25
N PRO A 222 -15.54 -13.77 -8.69
CA PRO A 222 -16.06 -12.52 -9.25
C PRO A 222 -15.01 -11.41 -9.14
N ILE A 223 -14.88 -10.64 -10.21
CA ILE A 223 -13.90 -9.55 -10.22
C ILE A 223 -14.14 -8.59 -9.05
N GLU A 224 -15.41 -8.37 -8.66
CA GLU A 224 -15.69 -7.45 -7.56
C GLU A 224 -14.97 -7.87 -6.27
N SER A 225 -14.92 -9.17 -6.00
CA SER A 225 -14.27 -9.62 -4.77
C SER A 225 -12.77 -9.35 -4.81
N ILE A 226 -12.14 -9.42 -5.99
CA ILE A 226 -10.72 -9.05 -6.08
C ILE A 226 -10.56 -7.55 -5.93
N GLU A 227 -11.46 -6.79 -6.56
CA GLU A 227 -11.40 -5.34 -6.42
C GLU A 227 -11.54 -4.92 -4.96
N ARG A 228 -12.50 -5.50 -4.26
CA ARG A 228 -12.69 -5.14 -2.85
C ARG A 228 -11.46 -5.46 -2.02
N ALA A 229 -10.91 -6.67 -2.20
CA ALA A 229 -9.80 -7.12 -1.36
C ALA A 229 -8.50 -6.44 -1.71
N SER A 230 -8.29 -6.14 -2.99
CA SER A 230 -7.01 -5.60 -3.40
C SER A 230 -6.93 -4.08 -3.30
N GLY A 231 -8.05 -3.39 -3.23
CA GLY A 231 -8.02 -1.95 -3.36
C GLY A 231 -7.91 -1.45 -4.79
N LEU A 232 -7.99 -2.32 -5.78
CA LEU A 232 -7.85 -1.95 -7.18
C LEU A 232 -9.19 -1.94 -7.88
N LEU A 233 -9.25 -1.25 -9.01
CA LEU A 233 -10.47 -1.20 -9.82
C LEU A 233 -10.15 -1.61 -11.26
N PHE A 234 -10.95 -2.53 -11.80
CA PHE A 234 -10.86 -3.01 -13.18
C PHE A 234 -12.09 -2.68 -13.99
N VAL A 235 -13.29 -2.98 -13.47
CA VAL A 235 -14.53 -2.80 -14.24
C VAL A 235 -14.76 -1.36 -14.68
N PRO A 236 -14.57 -0.33 -13.85
CA PRO A 236 -14.77 1.04 -14.35
C PRO A 236 -13.93 1.37 -15.58
N ASN A 237 -12.66 0.97 -15.59
CA ASN A 237 -11.79 1.21 -16.74
C ASN A 237 -12.24 0.41 -17.95
N ILE A 238 -12.74 -0.81 -17.72
CA ILE A 238 -13.24 -1.62 -18.81
C ILE A 238 -14.47 -0.97 -19.45
N LEU A 239 -15.39 -0.50 -18.61
CA LEU A 239 -16.61 0.13 -19.12
C LEU A 239 -16.30 1.39 -19.92
N ALA A 240 -15.36 2.19 -19.44
CA ALA A 240 -15.02 3.45 -20.09
C ALA A 240 -14.46 3.23 -21.51
N ARG A 241 -13.66 2.19 -21.70
CA ARG A 241 -13.10 1.94 -23.03
C ARG A 241 -14.18 1.45 -24.01
N ALA A 242 -15.14 0.66 -23.52
CA ALA A 242 -16.23 0.19 -24.36
C ALA A 242 -16.99 1.35 -24.99
N GLY A 243 -17.16 2.45 -24.24
CA GLY A 243 -17.77 3.65 -24.77
C GLY A 243 -16.87 4.43 -25.72
N GLY B 18 3.34 1.55 -25.78
CA GLY B 18 2.47 1.01 -26.82
C GLY B 18 1.01 0.92 -26.39
N GLU B 19 0.36 -0.19 -26.78
CA GLU B 19 -1.05 -0.41 -26.48
C GLU B 19 -1.27 -1.14 -25.15
N LEU B 20 -0.29 -1.11 -24.25
CA LEU B 20 -0.33 -1.91 -23.03
C LEU B 20 -1.41 -1.41 -22.07
N ALA B 21 -1.57 -0.09 -21.97
CA ALA B 21 -2.53 0.51 -21.05
C ALA B 21 -3.89 0.78 -21.70
N LYS B 22 -4.21 0.06 -22.79
CA LYS B 22 -5.47 0.28 -23.52
C LYS B 22 -6.68 0.27 -22.60
N TYR B 23 -6.66 -0.56 -21.56
CA TYR B 23 -7.76 -0.65 -20.61
C TYR B 23 -7.46 0.06 -19.30
N GLY B 24 -6.56 1.03 -19.31
CA GLY B 24 -6.23 1.76 -18.11
C GLY B 24 -5.31 0.98 -17.19
N LEU B 25 -4.98 1.61 -16.09
CA LEU B 25 -4.19 0.97 -15.06
C LEU B 25 -5.08 0.66 -13.84
N PRO B 26 -4.89 -0.48 -13.18
CA PRO B 26 -5.83 -0.88 -12.12
C PRO B 26 -5.79 0.03 -10.89
N GLY B 27 -4.72 0.77 -10.69
CA GLY B 27 -4.63 1.64 -9.55
C GLY B 27 -3.52 2.64 -9.75
N VAL B 28 -3.65 3.83 -9.17
CA VAL B 28 -2.59 4.83 -9.17
C VAL B 28 -2.68 5.56 -7.83
N ALA B 29 -1.67 6.39 -7.55
CA ALA B 29 -1.68 7.19 -6.33
C ALA B 29 -2.97 8.00 -6.23
N GLN B 30 -3.57 7.96 -5.05
CA GLN B 30 -4.79 8.70 -4.77
C GLN B 30 -4.41 9.79 -3.76
N LEU B 31 -4.05 10.95 -4.28
CA LEU B 31 -3.83 12.14 -3.48
C LEU B 31 -5.15 12.88 -3.27
N ARG B 32 -5.30 13.50 -2.11
CA ARG B 32 -6.47 14.30 -1.81
C ARG B 32 -5.99 15.61 -1.19
N SER B 33 -6.35 16.72 -1.83
CA SER B 33 -6.13 18.03 -1.26
C SER B 33 -7.40 18.46 -0.53
N ARG B 34 -7.28 18.73 0.76
CA ARG B 34 -8.34 19.32 1.55
C ARG B 34 -7.86 20.69 1.99
N GLU B 35 -8.77 21.42 2.63
CA GLU B 35 -8.47 22.78 3.05
C GLU B 35 -7.33 22.81 4.08
N SER B 36 -7.24 21.80 4.93
CA SER B 36 -6.31 21.79 6.05
C SER B 36 -5.13 20.85 5.88
N TYR B 37 -5.11 20.02 4.85
CA TYR B 37 -4.09 18.99 4.70
C TYR B 37 -4.16 18.42 3.31
N VAL B 38 -3.09 17.74 2.93
CA VAL B 38 -3.08 16.84 1.79
C VAL B 38 -2.72 15.44 2.30
N LEU B 39 -3.40 14.42 1.77
CA LEU B 39 -3.15 13.06 2.18
C LEU B 39 -2.97 12.17 0.95
N SER B 40 -2.34 11.03 1.19
CA SER B 40 -2.28 9.94 0.22
C SER B 40 -3.08 8.78 0.78
N TYR B 41 -3.99 8.24 -0.03
CA TYR B 41 -4.94 7.24 0.46
C TYR B 41 -4.57 5.83 -0.01
N ASP B 42 -4.63 4.87 0.91
CA ASP B 42 -4.42 3.47 0.54
C ASP B 42 -5.75 2.75 0.51
N PRO B 43 -6.28 2.39 -0.67
CA PRO B 43 -7.56 1.67 -0.71
C PRO B 43 -7.48 0.26 -0.18
N ARG B 44 -6.29 -0.36 -0.13
CA ARG B 44 -6.21 -1.71 0.44
C ARG B 44 -6.52 -1.68 1.93
N THR B 45 -5.89 -0.75 2.67
CA THR B 45 -6.10 -0.68 4.11
C THR B 45 -7.31 0.18 4.48
N ARG B 46 -7.90 0.84 3.48
CA ARG B 46 -9.01 1.77 3.69
C ARG B 46 -8.60 2.90 4.65
N GLY B 47 -7.36 3.37 4.52
CA GLY B 47 -6.91 4.50 5.32
C GLY B 47 -5.76 5.19 4.63
N ALA B 48 -5.41 6.36 5.17
CA ALA B 48 -4.35 7.14 4.55
C ALA B 48 -2.99 6.48 4.78
N LEU B 49 -2.10 6.62 3.78
CA LEU B 49 -0.70 6.28 3.99
C LEU B 49 -0.01 7.32 4.85
N TRP B 50 -0.35 8.60 4.65
CA TRP B 50 0.21 9.71 5.40
C TRP B 50 -0.68 10.92 5.17
N VAL B 51 -0.63 11.86 6.11
CA VAL B 51 -1.33 13.13 6.01
C VAL B 51 -0.34 14.25 6.33
N LEU B 52 -0.37 15.31 5.54
CA LEU B 52 0.60 16.40 5.65
C LEU B 52 -0.10 17.72 5.94
N GLU B 53 0.35 18.39 7.01
CA GLU B 53 -0.18 19.67 7.46
C GLU B 53 0.95 20.68 7.59
N GLN B 54 0.60 21.95 7.44
CA GLN B 54 1.53 23.05 7.71
C GLN B 54 0.89 23.94 8.76
N LEU B 55 1.34 23.81 10.01
CA LEU B 55 0.86 24.67 11.09
C LEU B 55 1.71 25.93 11.15
N ARG B 56 1.06 27.05 11.43
CA ARG B 56 1.80 28.27 11.72
C ARG B 56 0.95 29.12 12.65
N PRO B 57 1.57 29.99 13.46
CA PRO B 57 0.80 30.70 14.49
C PRO B 57 -0.23 31.66 13.93
N GLU B 58 0.04 32.25 12.75
CA GLU B 58 -0.86 33.20 12.10
C GLU B 58 -2.04 32.55 11.38
N ARG B 59 -2.03 31.21 11.17
CA ARG B 59 -3.14 30.48 10.56
C ARG B 59 -3.35 29.20 11.37
N LEU B 60 -3.89 29.37 12.58
CA LEU B 60 -4.04 28.28 13.54
C LEU B 60 -5.33 28.44 14.34
N ARG B 61 -5.42 29.47 15.18
CA ARG B 61 -6.55 29.66 16.06
C ARG B 61 -7.71 30.37 15.36
N GLY B 62 -8.93 30.05 15.78
CA GLY B 62 -10.09 30.65 15.15
C GLY B 62 -11.37 30.23 15.86
N ASP B 63 -12.48 30.52 15.19
CA ASP B 63 -13.83 30.27 15.71
C ASP B 63 -14.37 28.89 15.33
N GLY B 64 -13.65 28.12 14.53
CA GLY B 64 -14.20 26.86 14.07
C GLY B 64 -14.43 25.91 15.24
N ASP B 65 -15.51 25.14 15.15
CA ASP B 65 -15.78 24.11 16.15
C ASP B 65 -16.66 23.06 15.49
N ARG B 66 -16.70 21.88 16.11
CA ARG B 66 -17.52 20.78 15.60
C ARG B 66 -17.60 19.72 16.68
N SER B 67 -18.73 18.99 16.70
CA SER B 67 -18.90 17.83 17.58
C SER B 67 -17.75 16.86 17.43
N ALA B 68 -17.28 16.32 18.56
CA ALA B 68 -16.12 15.43 18.54
C ALA B 68 -16.38 14.15 17.76
N CYS B 69 -17.64 13.78 17.56
CA CYS B 69 -18.03 12.50 16.97
C CYS B 69 -18.65 12.64 15.59
N ASP B 70 -18.68 13.84 15.01
CA ASP B 70 -19.38 14.03 13.74
C ASP B 70 -18.42 13.82 12.57
N PHE B 71 -18.03 12.55 12.37
CA PHE B 71 -17.20 12.16 11.23
C PHE B 71 -18.08 11.74 10.06
N ARG B 72 -17.55 11.92 8.84
CA ARG B 72 -18.24 11.61 7.59
C ARG B 72 -17.36 10.76 6.68
N GLU B 73 -17.96 9.73 6.10
CA GLU B 73 -17.29 8.93 5.10
C GLU B 73 -16.95 9.78 3.88
N ASP B 74 -15.93 9.35 3.14
CA ASP B 74 -15.33 10.15 2.07
C ASP B 74 -15.88 9.66 0.74
N ASP B 75 -16.85 10.41 0.21
CA ASP B 75 -17.53 10.06 -1.03
C ASP B 75 -16.63 10.18 -2.25
N SER B 76 -15.44 10.76 -2.09
CA SER B 76 -14.47 10.78 -3.17
C SER B 76 -13.69 9.48 -3.26
N VAL B 77 -13.93 8.54 -2.35
CA VAL B 77 -13.28 7.24 -2.34
C VAL B 77 -14.32 6.22 -2.78
N HIS B 78 -13.94 5.36 -3.72
CA HIS B 78 -14.85 4.34 -4.22
C HIS B 78 -15.41 3.53 -3.06
N ALA B 79 -16.67 3.11 -3.20
CA ALA B 79 -17.38 2.47 -2.10
C ALA B 79 -16.73 1.15 -1.68
N TYR B 80 -16.10 0.44 -2.63
CA TYR B 80 -15.40 -0.79 -2.27
C TYR B 80 -14.33 -0.54 -1.24
N HIS B 81 -13.72 0.66 -1.26
CA HIS B 81 -12.52 0.95 -0.50
C HIS B 81 -12.73 2.07 0.50
N ARG B 82 -13.98 2.39 0.82
CA ARG B 82 -14.35 3.55 1.63
C ARG B 82 -14.69 3.12 3.05
N ALA B 83 -13.99 3.68 4.03
CA ALA B 83 -14.35 3.44 5.42
C ALA B 83 -15.63 4.20 5.74
N THR B 84 -16.50 3.57 6.54
CA THR B 84 -17.77 4.15 6.97
C THR B 84 -17.85 4.20 8.48
N ASN B 85 -18.79 5.01 8.98
CA ASN B 85 -19.03 5.05 10.42
C ASN B 85 -19.49 3.68 10.93
N ALA B 86 -20.24 2.94 10.12
CA ALA B 86 -20.65 1.59 10.53
C ALA B 86 -19.44 0.69 10.79
N ASP B 87 -18.35 0.88 10.03
CA ASP B 87 -17.16 0.06 10.27
C ASP B 87 -16.61 0.27 11.66
N TYR B 88 -16.75 1.49 12.21
CA TYR B 88 -16.22 1.79 13.51
C TYR B 88 -17.18 1.46 14.64
N ARG B 89 -18.49 1.56 14.39
CA ARG B 89 -19.50 1.33 15.42
CA ARG B 89 -19.46 1.34 15.45
C ARG B 89 -19.34 -0.06 16.02
N GLY B 90 -19.26 -0.13 17.35
CA GLY B 90 -19.13 -1.38 18.06
C GLY B 90 -17.75 -2.01 18.03
N SER B 91 -16.74 -1.36 17.46
CA SER B 91 -15.42 -1.96 17.34
C SER B 91 -14.56 -1.79 18.58
N GLY B 92 -14.86 -0.84 19.44
CA GLY B 92 -13.99 -0.53 20.56
C GLY B 92 -12.88 0.46 20.23
N PHE B 93 -12.80 0.92 18.98
CA PHE B 93 -11.81 1.89 18.55
C PHE B 93 -12.46 3.25 18.32
N ASP B 94 -11.72 4.32 18.63
CA ASP B 94 -12.10 5.64 18.19
C ASP B 94 -11.80 5.83 16.71
N ARG B 95 -12.50 6.78 16.11
CA ARG B 95 -12.11 7.30 14.81
C ARG B 95 -10.98 8.29 15.08
N GLY B 96 -9.74 7.77 15.13
CA GLY B 96 -8.58 8.57 15.45
C GLY B 96 -8.11 9.43 14.28
N ALA B 97 -8.23 10.74 14.41
CA ALA B 97 -7.82 11.63 13.33
C ALA B 97 -6.30 11.71 13.27
N LEU B 98 -5.79 11.88 12.04
CA LEU B 98 -4.37 12.07 11.78
C LEU B 98 -4.03 13.56 11.74
N ALA B 99 -4.63 14.28 10.80
CA ALA B 99 -4.67 15.75 10.86
C ALA B 99 -5.69 16.17 11.91
N ALA B 100 -5.23 16.74 13.02
CA ALA B 100 -6.09 17.01 14.16
C ALA B 100 -7.03 18.20 13.89
N ALA B 101 -8.30 18.02 14.27
CA ALA B 101 -9.30 19.08 14.15
C ALA B 101 -8.84 20.37 14.81
N ALA B 102 -8.28 20.29 16.02
CA ALA B 102 -7.83 21.49 16.72
C ALA B 102 -6.61 22.17 16.09
N ASN B 103 -6.03 21.62 15.03
CA ASN B 103 -5.02 22.38 14.29
C ASN B 103 -5.66 23.38 13.34
N HIS B 104 -6.97 23.33 13.16
CA HIS B 104 -7.58 24.02 12.03
C HIS B 104 -8.84 24.76 12.40
N ARG B 105 -8.91 25.30 13.60
CA ARG B 105 -10.05 26.15 13.94
C ARG B 105 -10.02 27.48 13.20
N TRP B 106 -8.98 27.73 12.41
CA TRP B 106 -8.87 29.00 11.69
C TRP B 106 -9.90 29.13 10.57
N SER B 107 -10.53 28.04 10.16
CA SER B 107 -11.67 28.16 9.27
C SER B 107 -12.54 26.93 9.47
N GLN B 108 -13.86 27.13 9.43
CA GLN B 108 -14.77 26.01 9.63
C GLN B 108 -14.55 24.93 8.58
N ARG B 109 -14.36 25.32 7.33
CA ARG B 109 -14.11 24.34 6.27
CA ARG B 109 -14.08 24.39 6.24
C ARG B 109 -12.84 23.56 6.55
N ALA B 110 -11.76 24.23 6.95
CA ALA B 110 -10.53 23.54 7.35
C ALA B 110 -10.79 22.49 8.42
N MET B 111 -11.54 22.86 9.45
CA MET B 111 -11.78 21.92 10.55
C MET B 111 -12.69 20.79 10.09
N ASP B 112 -13.76 21.12 9.37
CA ASP B 112 -14.65 20.09 8.82
C ASP B 112 -13.87 19.02 8.07
N ASP B 113 -12.91 19.43 7.24
CA ASP B 113 -12.23 18.44 6.40
C ASP B 113 -11.48 17.40 7.24
N THR B 114 -11.11 17.74 8.49
CA THR B 114 -10.45 16.73 9.30
C THR B 114 -11.39 15.65 9.78
N PHE B 115 -12.69 15.76 9.51
CA PHE B 115 -13.65 14.74 9.92
C PHE B 115 -14.03 13.78 8.80
N TYR B 116 -13.36 13.85 7.66
CA TYR B 116 -13.45 12.79 6.67
C TYR B 116 -12.81 11.53 7.24
N LEU B 117 -13.49 10.39 7.08
CA LEU B 117 -12.94 9.15 7.61
C LEU B 117 -11.63 8.78 6.91
N SER B 118 -11.38 9.36 5.75
CA SER B 118 -10.10 9.14 5.08
C SER B 118 -8.95 9.78 5.85
N ASN B 119 -9.24 10.70 6.77
CA ASN B 119 -8.25 11.28 7.66
C ASN B 119 -8.21 10.60 9.02
N VAL B 120 -8.87 9.45 9.19
CA VAL B 120 -8.84 8.79 10.49
C VAL B 120 -8.42 7.33 10.33
N ALA B 121 -7.91 6.77 11.44
CA ALA B 121 -7.62 5.35 11.55
C ALA B 121 -8.14 4.85 12.88
N PRO B 122 -8.44 3.54 13.00
CA PRO B 122 -8.92 3.03 14.27
C PRO B 122 -7.84 3.19 15.33
N GLN B 123 -8.18 3.89 16.41
CA GLN B 123 -7.19 4.24 17.44
C GLN B 123 -7.72 3.81 18.79
N VAL B 124 -6.87 3.13 19.56
CA VAL B 124 -7.24 2.76 20.92
C VAL B 124 -7.73 4.01 21.64
N PRO B 125 -8.93 3.99 22.22
CA PRO B 125 -9.49 5.25 22.76
C PRO B 125 -8.59 5.93 23.76
N HIS B 126 -7.93 5.16 24.65
CA HIS B 126 -7.03 5.75 25.63
C HIS B 126 -5.90 6.51 24.95
N LEU B 127 -5.38 5.99 23.84
CA LEU B 127 -4.32 6.67 23.13
C LEU B 127 -4.82 7.98 22.53
N ASN B 128 -5.94 7.89 21.78
CA ASN B 128 -6.56 9.06 21.18
C ASN B 128 -6.76 10.18 22.19
N GLN B 129 -7.23 9.82 23.39
CA GLN B 129 -7.59 10.82 24.38
C GLN B 129 -6.38 11.34 25.15
N ASN B 130 -5.33 10.53 25.30
CA ASN B 130 -4.25 10.92 26.20
C ASN B 130 -2.91 11.15 25.49
N ALA B 131 -2.06 10.12 25.35
CA ALA B 131 -0.69 10.37 24.89
C ALA B 131 -0.65 10.91 23.46
N TRP B 132 -1.55 10.48 22.59
CA TRP B 132 -1.57 11.01 21.23
C TRP B 132 -2.06 12.45 21.22
N ASN B 133 -3.13 12.72 21.98
CA ASN B 133 -3.61 14.07 22.21
C ASN B 133 -2.48 14.97 22.71
N ASN B 134 -1.74 14.50 23.72
CA ASN B 134 -0.60 15.28 24.23
CA ASN B 134 -0.62 15.29 24.23
C ASN B 134 0.39 15.58 23.12
N LEU B 135 0.75 14.57 22.32
CA LEU B 135 1.70 14.79 21.25
C LEU B 135 1.16 15.82 20.26
N GLU B 136 -0.12 15.71 19.87
CA GLU B 136 -0.71 16.70 18.97
C GLU B 136 -0.68 18.10 19.58
N ARG B 137 -0.98 18.21 20.87
CA ARG B 137 -0.95 19.49 21.56
C ARG B 137 0.46 20.06 21.60
N TYR B 138 1.46 19.21 21.88
CA TYR B 138 2.83 19.68 21.89
C TYR B 138 3.24 20.17 20.50
N SER B 139 2.89 19.42 19.47
CA SER B 139 3.19 19.84 18.10
C SER B 139 2.62 21.22 17.79
N ARG B 140 1.35 21.43 18.14
CA ARG B 140 0.74 22.74 17.98
C ARG B 140 1.53 23.80 18.73
N SER B 141 1.99 23.49 19.94
CA SER B 141 2.65 24.51 20.75
C SER B 141 3.98 24.96 20.16
N LEU B 142 4.61 24.14 19.33
CA LEU B 142 5.84 24.55 18.66
C LEU B 142 5.63 25.71 17.69
N THR B 143 4.40 26.00 17.26
CA THR B 143 4.17 27.19 16.44
C THR B 143 4.44 28.49 17.20
N ARG B 144 4.49 28.42 18.54
CA ARG B 144 4.86 29.62 19.29
C ARG B 144 6.34 29.97 19.12
N THR B 145 7.22 29.04 18.74
CA THR B 145 8.63 29.35 18.65
C THR B 145 9.28 28.95 17.33
N TYR B 146 8.52 28.43 16.37
CA TYR B 146 9.02 28.21 15.03
C TYR B 146 8.10 28.90 14.02
N GLN B 147 8.69 29.41 12.94
CA GLN B 147 7.91 30.05 11.88
C GLN B 147 6.88 29.12 11.29
N ASN B 148 7.26 27.86 11.05
CA ASN B 148 6.35 26.89 10.45
C ASN B 148 6.58 25.55 11.13
N VAL B 149 5.50 24.82 11.34
CA VAL B 149 5.58 23.46 11.85
C VAL B 149 4.87 22.57 10.85
N TYR B 150 5.64 21.83 10.06
CA TYR B 150 5.06 20.83 9.16
C TYR B 150 4.85 19.54 9.94
N VAL B 151 3.68 18.94 9.78
CA VAL B 151 3.36 17.71 10.49
C VAL B 151 2.96 16.66 9.48
N CYS B 152 3.65 15.52 9.50
CA CYS B 152 3.29 14.39 8.66
C CYS B 152 2.95 13.21 9.56
N THR B 153 1.75 12.69 9.41
CA THR B 153 1.17 11.74 10.34
C THR B 153 0.64 10.56 9.57
N GLY B 154 0.88 9.36 10.07
CA GLY B 154 0.33 8.19 9.43
C GLY B 154 0.42 6.92 10.24
N PRO B 155 -0.10 5.84 9.67
CA PRO B 155 -0.10 4.54 10.34
C PRO B 155 1.20 3.77 10.09
N LEU B 156 1.45 2.82 10.99
CA LEU B 156 2.47 1.79 10.79
C LEU B 156 1.84 0.43 11.04
N PHE B 157 2.38 -0.58 10.35
CA PHE B 157 1.98 -1.99 10.53
C PHE B 157 3.28 -2.77 10.74
N LEU B 158 3.72 -2.87 12.01
CA LEU B 158 5.08 -3.36 12.27
C LEU B 158 5.09 -4.87 12.47
N PRO B 159 6.07 -5.55 11.86
CA PRO B 159 6.24 -6.98 12.12
C PRO B 159 6.67 -7.25 13.55
N ARG B 160 6.36 -8.45 14.01
CA ARG B 160 6.81 -8.95 15.29
C ARG B 160 7.35 -10.36 15.07
N THR B 161 8.27 -10.78 15.93
CA THR B 161 8.84 -12.12 15.82
C THR B 161 8.06 -13.05 16.74
N GLU B 162 7.68 -14.20 16.22
CA GLU B 162 6.89 -15.14 17.01
C GLU B 162 7.74 -16.32 17.44
N ALA B 163 7.14 -17.21 18.23
CA ALA B 163 7.90 -18.26 18.90
C ALA B 163 8.39 -19.34 17.95
N ASP B 164 7.89 -19.38 16.71
CA ASP B 164 8.45 -20.27 15.71
C ASP B 164 9.70 -19.68 15.06
N GLY B 165 10.21 -18.55 15.56
CA GLY B 165 11.37 -17.89 14.99
C GLY B 165 11.15 -17.08 13.72
N LYS B 166 9.93 -17.06 13.18
CA LYS B 166 9.62 -16.26 12.01
C LYS B 166 8.98 -14.94 12.42
N SER B 167 8.95 -14.00 11.48
CA SER B 167 8.38 -12.68 11.72
C SER B 167 7.09 -12.53 10.91
N TYR B 168 6.10 -11.87 11.51
CA TYR B 168 4.79 -11.69 10.90
C TYR B 168 4.27 -10.29 11.17
N VAL B 169 3.52 -9.79 10.20
CA VAL B 169 2.68 -8.63 10.39
C VAL B 169 1.27 -9.14 10.69
N LYS B 170 0.71 -8.73 11.83
CA LYS B 170 -0.68 -9.04 12.17
C LYS B 170 -1.41 -7.77 12.56
N TYR B 171 -2.59 -7.54 11.99
CA TYR B 171 -3.41 -6.43 12.47
C TYR B 171 -4.88 -6.78 12.29
N GLN B 172 -5.70 -6.22 13.18
CA GLN B 172 -7.15 -6.35 13.07
C GLN B 172 -7.66 -5.53 11.89
N VAL B 173 -8.76 -6.00 11.30
CA VAL B 173 -9.55 -5.20 10.37
C VAL B 173 -10.99 -5.20 10.87
N ILE B 174 -11.62 -4.02 10.86
CA ILE B 174 -12.90 -3.83 11.50
C ILE B 174 -13.97 -3.50 10.47
N GLY B 175 -15.18 -3.99 10.72
CA GLY B 175 -16.33 -3.62 9.92
C GLY B 175 -16.41 -4.43 8.64
N LYS B 176 -17.55 -4.26 7.95
CA LYS B 176 -17.74 -4.98 6.70
C LYS B 176 -16.68 -4.62 5.68
N ASN B 177 -16.15 -3.40 5.74
CA ASN B 177 -15.17 -2.97 4.78
C ASN B 177 -13.73 -3.29 5.18
N HIS B 178 -13.53 -3.98 6.30
CA HIS B 178 -12.21 -4.46 6.68
C HIS B 178 -11.22 -3.30 6.80
N VAL B 179 -11.57 -2.32 7.62
CA VAL B 179 -10.71 -1.16 7.84
C VAL B 179 -9.54 -1.58 8.73
N ALA B 180 -8.33 -1.37 8.25
CA ALA B 180 -7.17 -1.90 8.98
C ALA B 180 -6.89 -1.06 10.22
N VAL B 181 -6.50 -1.76 11.30
CA VAL B 181 -6.17 -1.15 12.59
C VAL B 181 -4.64 -1.08 12.67
N PRO B 182 -4.04 0.10 12.62
CA PRO B 182 -2.57 0.17 12.64
C PRO B 182 -2.02 -0.38 13.94
N THR B 183 -0.81 -0.93 13.87
CA THR B 183 -0.18 -1.38 15.11
C THR B 183 0.44 -0.21 15.87
N HIS B 184 0.85 0.82 15.13
CA HIS B 184 1.56 1.98 15.66
C HIS B 184 1.18 3.18 14.81
N PHE B 185 1.54 4.37 15.29
CA PHE B 185 1.39 5.60 14.52
C PHE B 185 2.72 6.32 14.51
N PHE B 186 3.05 6.98 13.41
CA PHE B 186 4.20 7.86 13.38
C PHE B 186 3.75 9.31 13.24
N LYS B 187 4.60 10.22 13.69
CA LYS B 187 4.38 11.64 13.45
C LYS B 187 5.73 12.28 13.23
N VAL B 188 5.88 12.96 12.10
CA VAL B 188 7.14 13.62 11.73
C VAL B 188 6.88 15.11 11.73
N LEU B 189 7.71 15.85 12.46
CA LEU B 189 7.65 17.30 12.50
C LEU B 189 8.82 17.85 11.71
N ILE B 190 8.54 18.80 10.81
CA ILE B 190 9.56 19.63 10.19
C ILE B 190 9.42 21.03 10.78
N LEU B 191 10.43 21.44 11.54
CA LEU B 191 10.40 22.66 12.32
C LEU B 191 11.26 23.70 11.61
N GLU B 192 10.60 24.73 11.08
CA GLU B 192 11.25 25.82 10.36
C GLU B 192 11.52 26.94 11.33
N ALA B 193 12.77 27.10 11.74
CA ALA B 193 13.00 28.20 12.67
C ALA B 193 13.20 29.50 11.90
N ALA B 194 13.19 30.60 12.64
CA ALA B 194 13.24 31.92 12.05
C ALA B 194 14.44 32.07 11.12
N GLY B 195 14.17 32.15 9.82
CA GLY B 195 15.19 32.22 8.80
C GLY B 195 15.98 30.94 8.63
N GLY B 196 15.57 30.09 7.67
CA GLY B 196 16.41 29.02 7.18
C GLY B 196 16.49 27.71 7.96
N GLN B 197 17.02 27.76 9.18
CA GLN B 197 17.41 26.54 9.89
C GLN B 197 16.18 25.65 10.13
N ILE B 198 16.23 24.42 9.65
CA ILE B 198 15.11 23.50 9.78
C ILE B 198 15.56 22.27 10.57
N GLU B 199 14.66 21.77 11.40
CA GLU B 199 14.94 20.71 12.35
C GLU B 199 13.88 19.63 12.18
N LEU B 200 14.28 18.38 12.39
CA LEU B 200 13.44 17.22 12.13
C LEU B 200 13.25 16.41 13.40
N ARG B 201 12.00 16.12 13.75
CA ARG B 201 11.66 15.33 14.94
C ARG B 201 10.63 14.29 14.55
N SER B 202 10.86 13.04 14.92
CA SER B 202 10.00 11.94 14.47
CA SER B 202 10.01 11.95 14.48
C SER B 202 9.66 11.06 15.66
N TYR B 203 8.36 10.80 15.82
CA TYR B 203 7.83 10.05 16.95
C TYR B 203 7.09 8.82 16.45
N VAL B 204 7.10 7.77 17.27
CA VAL B 204 6.27 6.61 17.03
C VAL B 204 5.61 6.23 18.35
N MET B 205 4.31 5.98 18.32
CA MET B 205 3.63 5.42 19.47
C MET B 205 2.91 4.15 19.08
N PRO B 206 2.82 3.16 19.97
CA PRO B 206 2.02 1.98 19.68
C PRO B 206 0.53 2.30 19.77
N ASN B 207 -0.27 1.56 19.00
CA ASN B 207 -1.72 1.70 19.03
C ASN B 207 -2.21 0.91 20.25
N ALA B 208 -2.08 1.54 21.41
CA ALA B 208 -2.22 0.90 22.70
C ALA B 208 -2.41 1.99 23.75
N PRO B 209 -2.86 1.63 24.97
CA PRO B 209 -2.87 2.64 26.04
C PRO B 209 -1.46 3.06 26.43
N VAL B 210 -1.05 4.26 26.09
CA VAL B 210 0.29 4.74 26.40
C VAL B 210 0.22 5.56 27.68
N ASP B 211 1.10 5.28 28.62
CA ASP B 211 1.16 6.04 29.86
C ASP B 211 1.37 7.52 29.55
N GLU B 212 0.40 8.34 29.92
CA GLU B 212 0.46 9.76 29.56
CA GLU B 212 0.41 9.77 29.62
C GLU B 212 1.57 10.50 30.29
N THR B 213 2.15 9.92 31.35
CA THR B 213 3.21 10.60 32.08
C THR B 213 4.59 10.32 31.50
N ILE B 214 4.72 9.37 30.58
CA ILE B 214 6.03 9.18 29.96
C ILE B 214 6.37 10.41 29.13
N PRO B 215 7.53 11.03 29.33
CA PRO B 215 7.89 12.21 28.52
C PRO B 215 7.88 11.88 27.03
N LEU B 216 7.35 12.83 26.24
CA LEU B 216 7.21 12.59 24.80
C LEU B 216 8.56 12.33 24.12
N GLU B 217 9.65 12.88 24.68
CA GLU B 217 11.00 12.64 24.18
C GLU B 217 11.24 11.14 23.99
N ARG B 218 10.73 10.34 24.92
CA ARG B 218 10.99 8.91 24.90
C ARG B 218 10.42 8.24 23.67
N PHE B 219 9.55 8.90 22.92
CA PHE B 219 8.94 8.33 21.73
C PHE B 219 9.59 8.82 20.45
N LEU B 220 10.63 9.63 20.54
CA LEU B 220 11.42 9.96 19.36
C LEU B 220 12.07 8.71 18.82
N VAL B 221 12.15 8.63 17.49
CA VAL B 221 12.90 7.55 16.84
C VAL B 221 13.65 8.16 15.67
N PRO B 222 14.74 7.51 15.22
CA PRO B 222 15.41 8.00 14.02
C PRO B 222 14.44 8.01 12.86
N ILE B 223 14.48 9.08 12.06
CA ILE B 223 13.60 9.17 10.90
C ILE B 223 13.77 7.98 9.97
N GLU B 224 15.00 7.43 9.87
CA GLU B 224 15.25 6.34 8.93
C GLU B 224 14.44 5.10 9.29
N SER B 225 14.27 4.83 10.58
CA SER B 225 13.50 3.66 10.97
C SER B 225 12.03 3.83 10.61
N ILE B 226 11.51 5.05 10.64
CA ILE B 226 10.15 5.28 10.14
C ILE B 226 10.11 5.10 8.64
N GLU B 227 11.11 5.63 7.94
CA GLU B 227 11.20 5.46 6.49
C GLU B 227 11.23 3.98 6.10
N ARG B 228 12.09 3.21 6.76
CA ARG B 228 12.18 1.78 6.46
C ARG B 228 10.83 1.09 6.65
N ALA B 229 10.21 1.30 7.82
CA ALA B 229 9.01 0.54 8.16
C ALA B 229 7.80 0.96 7.33
N SER B 230 7.67 2.27 7.06
CA SER B 230 6.51 2.80 6.38
C SER B 230 6.61 2.76 4.86
N GLY B 231 7.79 2.50 4.31
CA GLY B 231 7.91 2.63 2.87
C GLY B 231 7.96 4.05 2.36
N LEU B 232 8.00 5.05 3.24
CA LEU B 232 8.01 6.45 2.83
C LEU B 232 9.41 7.03 2.91
N LEU B 233 9.62 8.12 2.18
CA LEU B 233 10.90 8.82 2.21
C LEU B 233 10.67 10.29 2.56
N PHE B 234 11.38 10.77 3.59
CA PHE B 234 11.37 12.18 4.01
C PHE B 234 12.71 12.86 3.77
N VAL B 235 13.80 12.23 4.22
CA VAL B 235 15.10 12.90 4.20
C VAL B 235 15.53 13.34 2.81
N PRO B 236 15.41 12.51 1.74
CA PRO B 236 15.82 13.00 0.40
C PRO B 236 15.09 14.26 -0.03
N ASN B 237 13.76 14.31 0.13
CA ASN B 237 13.02 15.53 -0.19
C ASN B 237 13.55 16.73 0.60
N ILE B 238 13.96 16.51 1.85
CA ILE B 238 14.41 17.62 2.69
C ILE B 238 15.78 18.10 2.23
N LEU B 239 16.71 17.17 2.00
CA LEU B 239 18.02 17.55 1.48
C LEU B 239 17.89 18.22 0.11
N ALA B 240 16.95 17.77 -0.72
CA ALA B 240 16.72 18.41 -2.01
C ALA B 240 16.22 19.85 -1.84
N ARG B 241 15.34 20.08 -0.86
CA ARG B 241 14.84 21.44 -0.63
C ARG B 241 15.94 22.37 -0.14
N ALA B 242 16.88 21.84 0.66
CA ALA B 242 18.02 22.62 1.16
C ALA B 242 19.06 22.85 0.07
N GLY B 243 18.63 22.85 -1.20
CA GLY B 243 19.49 23.13 -2.33
C GLY B 243 18.70 23.58 -3.55
#